data_5NOH
#
_entry.id   5NOH
#
_cell.length_a   37.954
_cell.length_b   69.241
_cell.length_c   46.604
_cell.angle_alpha   90.000
_cell.angle_beta   90.050
_cell.angle_gamma   90.000
#
_symmetry.space_group_name_H-M   'P 1 21 1'
#
loop_
_entity.id
_entity.type
_entity.pdbx_description
1 polymer 'Transcription elongation factor M2-1'
2 water water
#
_entity_poly.entity_id   1
_entity_poly.type   'polypeptide(L)'
_entity_poly.pdbx_seq_one_letter_code
;ALGVVGVLESYIGSINNITKQSACVAMSKLLTELNSDDIKKLRDNEELNSPKIRVYNTVISYIESNRKNNKQTIHLLKRL
PADVLKKTIKNTLDIHKSITINN
;
_entity_poly.pdbx_strand_id   A,B
#
# COMPACT_ATOMS: atom_id res chain seq x y z
N ALA A 1 1.06 4.65 -2.68
CA ALA A 1 0.54 6.01 -2.66
C ALA A 1 -0.23 6.32 -3.92
N LEU A 2 -0.89 7.48 -3.94
CA LEU A 2 -1.77 7.91 -5.02
C LEU A 2 -2.97 6.97 -5.17
N GLY A 3 -4.16 7.53 -4.94
CA GLY A 3 -5.36 6.74 -4.89
C GLY A 3 -5.60 6.23 -3.49
N VAL A 4 -6.87 6.16 -3.11
CA VAL A 4 -7.24 5.75 -1.77
C VAL A 4 -6.69 4.37 -1.40
N VAL A 5 -6.86 3.38 -2.27
CA VAL A 5 -6.44 2.03 -1.90
C VAL A 5 -4.92 1.95 -1.80
N GLY A 6 -4.23 2.59 -2.75
CA GLY A 6 -2.77 2.61 -2.76
C GLY A 6 -2.22 3.23 -1.50
N VAL A 7 -2.81 4.35 -1.07
CA VAL A 7 -2.40 5.02 0.17
C VAL A 7 -2.60 4.11 1.39
N LEU A 8 -3.78 3.48 1.50
CA LEU A 8 -4.07 2.72 2.69
C LEU A 8 -3.28 1.41 2.77
N GLU A 9 -3.16 0.69 1.65
CA GLU A 9 -2.32 -0.51 1.64
C GLU A 9 -0.88 -0.15 1.98
N SER A 10 -0.42 0.98 1.46
CA SER A 10 0.95 1.41 1.71
C SER A 10 1.16 1.72 3.18
N TYR A 11 0.19 2.39 3.80
CA TYR A 11 0.31 2.75 5.22
C TYR A 11 0.37 1.50 6.09
N ILE A 12 -0.55 0.56 5.85
CA ILE A 12 -0.56 -0.71 6.55
C ILE A 12 0.76 -1.45 6.38
N GLY A 13 1.30 -1.40 5.18
CA GLY A 13 2.52 -2.14 4.87
C GLY A 13 3.80 -1.38 5.17
N SER A 14 3.67 -0.15 5.68
CA SER A 14 4.84 0.66 6.05
C SER A 14 5.74 0.96 4.85
N ILE A 15 5.12 1.21 3.69
CA ILE A 15 5.91 1.63 2.53
C ILE A 15 5.35 2.94 1.97
N ASN A 16 6.16 3.58 1.12
CA ASN A 16 5.84 4.84 0.45
C ASN A 16 5.73 6.04 1.39
N ASN A 17 6.24 5.89 2.62
CA ASN A 17 6.29 7.00 3.58
C ASN A 17 4.95 7.72 3.75
N ILE A 18 3.89 6.96 3.92
CA ILE A 18 2.57 7.55 4.10
C ILE A 18 2.47 8.12 5.50
N THR A 19 2.10 9.40 5.60
CA THR A 19 1.94 9.96 6.93
C THR A 19 0.60 9.49 7.53
N LYS A 20 0.52 9.52 8.85
CA LYS A 20 -0.72 9.22 9.56
C LYS A 20 -1.86 10.08 9.01
N GLN A 21 -1.58 11.37 8.83
CA GLN A 21 -2.57 12.30 8.28
C GLN A 21 -3.11 11.83 6.92
N SER A 22 -2.23 11.43 6.02
CA SER A 22 -2.64 10.98 4.68
C SER A 22 -3.49 9.73 4.74
N ALA A 23 -3.12 8.80 5.62
CA ALA A 23 -3.87 7.57 5.77
C ALA A 23 -5.27 7.86 6.31
N CYS A 24 -5.38 8.77 7.27
CA CYS A 24 -6.67 9.08 7.86
C CYS A 24 -7.55 9.86 6.88
N VAL A 25 -6.94 10.73 6.09
CA VAL A 25 -7.68 11.41 5.02
C VAL A 25 -8.20 10.41 3.99
N ALA A 26 -7.38 9.43 3.61
CA ALA A 26 -7.82 8.40 2.67
C ALA A 26 -8.92 7.51 3.27
N MET A 27 -8.81 7.22 4.57
CA MET A 27 -9.83 6.44 5.26
C MET A 27 -11.19 7.13 5.20
N SER A 28 -11.18 8.45 5.40
CA SER A 28 -12.42 9.22 5.35
C SER A 28 -13.08 9.09 3.96
N LYS A 29 -12.27 9.21 2.92
CA LYS A 29 -12.74 9.03 1.54
C LYS A 29 -13.31 7.63 1.30
N LEU A 30 -12.65 6.60 1.80
CA LEU A 30 -13.16 5.23 1.66
C LEU A 30 -14.48 5.03 2.41
N LEU A 31 -14.54 5.52 3.64
CA LEU A 31 -15.76 5.40 4.46
C LEU A 31 -16.93 6.11 3.80
N THR A 32 -16.65 7.23 3.14
CA THR A 32 -17.67 7.96 2.41
C THR A 32 -18.23 7.11 1.28
N GLU A 33 -17.35 6.34 0.64
CA GLU A 33 -17.76 5.52 -0.50
C GLU A 33 -18.56 4.31 -0.05
N LEU A 34 -18.26 3.79 1.14
CA LEU A 34 -18.95 2.60 1.65
C LEU A 34 -20.38 2.95 2.08
N ASN A 35 -21.29 2.03 1.83
CA ASN A 35 -22.68 2.19 2.24
C ASN A 35 -22.99 1.29 3.43
N SER A 36 -23.39 1.88 4.54
CA SER A 36 -23.59 1.12 5.77
C SER A 36 -24.72 0.09 5.64
N ASP A 37 -25.71 0.37 4.79
CA ASP A 37 -26.76 -0.61 4.53
C ASP A 37 -26.22 -1.85 3.83
N ASP A 38 -25.25 -1.67 2.93
CA ASP A 38 -24.62 -2.81 2.25
C ASP A 38 -23.92 -3.71 3.26
N ILE A 39 -23.27 -3.08 4.23
CA ILE A 39 -22.47 -3.79 5.21
C ILE A 39 -23.34 -4.51 6.22
N LYS A 40 -24.43 -3.87 6.64
CA LYS A 40 -25.41 -4.55 7.50
C LYS A 40 -25.97 -5.80 6.81
N LYS A 41 -26.17 -5.72 5.50
CA LYS A 41 -26.61 -6.88 4.73
C LYS A 41 -25.57 -7.99 4.74
N LEU A 42 -24.30 -7.64 4.52
CA LEU A 42 -23.23 -8.62 4.56
C LEU A 42 -23.16 -9.25 5.96
N ARG A 43 -23.31 -8.40 6.97
CA ARG A 43 -23.27 -8.85 8.36
C ARG A 43 -24.36 -9.90 8.65
N ASP A 44 -25.55 -9.66 8.12
CA ASP A 44 -26.67 -10.54 8.40
C ASP A 44 -26.61 -11.84 7.57
N ASN A 45 -25.64 -11.95 6.68
CA ASN A 45 -25.43 -13.20 5.95
C ASN A 45 -24.61 -14.19 6.77
N GLU A 46 -24.10 -13.73 7.91
CA GLU A 46 -23.24 -14.54 8.76
C GLU A 46 -24.03 -15.33 9.80
N GLU A 47 -23.50 -16.49 10.19
CA GLU A 47 -24.06 -17.25 11.30
C GLU A 47 -23.79 -16.53 12.61
N LEU A 48 -24.57 -16.87 13.63
CA LEU A 48 -24.63 -16.11 14.87
C LEU A 48 -23.30 -15.97 15.63
N ASN A 49 -22.48 -17.01 15.68
CA ASN A 49 -21.16 -16.80 16.28
C ASN A 49 -20.02 -16.73 15.26
N SER A 50 -20.26 -16.04 14.15
CA SER A 50 -19.18 -15.66 13.24
C SER A 50 -18.41 -14.49 13.83
N PRO A 51 -17.06 -14.58 13.88
CA PRO A 51 -16.23 -13.46 14.33
C PRO A 51 -16.36 -12.24 13.43
N LYS A 52 -16.89 -12.43 12.22
CA LYS A 52 -17.00 -11.33 11.28
C LYS A 52 -18.05 -10.28 11.67
N ILE A 53 -19.07 -10.69 12.41
CA ILE A 53 -20.16 -9.78 12.78
C ILE A 53 -19.63 -8.59 13.59
N ARG A 54 -18.83 -8.88 14.61
CA ARG A 54 -18.17 -7.85 15.42
C ARG A 54 -17.34 -6.89 14.56
N VAL A 55 -16.62 -7.44 13.59
CA VAL A 55 -15.79 -6.62 12.70
C VAL A 55 -16.67 -5.69 11.84
N TYR A 56 -17.72 -6.26 11.23
CA TYR A 56 -18.68 -5.49 10.45
C TYR A 56 -19.25 -4.34 11.26
N ASN A 57 -19.59 -4.62 12.50
CA ASN A 57 -20.13 -3.59 13.38
C ASN A 57 -19.12 -2.45 13.65
N THR A 58 -17.84 -2.77 13.81
CA THR A 58 -16.87 -1.67 14.01
C THR A 58 -16.79 -0.80 12.75
N VAL A 59 -16.86 -1.41 11.57
CA VAL A 59 -16.74 -0.61 10.34
C VAL A 59 -18.00 0.24 10.15
N ILE A 60 -19.14 -0.32 10.51
CA ILE A 60 -20.37 0.48 10.54
C ILE A 60 -20.22 1.71 11.47
N SER A 61 -19.58 1.52 12.62
CA SER A 61 -19.38 2.64 13.54
C SER A 61 -18.45 3.71 12.94
N TYR A 62 -17.45 3.30 12.14
CA TYR A 62 -16.57 4.29 11.50
C TYR A 62 -17.34 5.09 10.47
N ILE A 63 -18.17 4.39 9.69
CA ILE A 63 -18.93 5.05 8.63
C ILE A 63 -19.89 6.07 9.21
N GLU A 64 -20.50 5.71 10.34
CA GLU A 64 -21.48 6.58 10.98
C GLU A 64 -20.80 7.82 11.55
N SER A 65 -19.64 7.63 12.18
CA SER A 65 -18.85 8.76 12.65
C SER A 65 -18.45 9.69 11.50
N ASN A 66 -17.98 9.09 10.42
CA ASN A 66 -17.50 9.86 9.26
C ASN A 66 -18.64 10.64 8.61
N ARG A 67 -19.82 10.02 8.57
CA ARG A 67 -20.97 10.67 7.96
C ARG A 67 -21.36 11.94 8.71
N LYS A 68 -21.30 11.90 10.04
CA LYS A 68 -21.65 13.05 10.87
C LYS A 68 -20.67 14.20 10.71
N ASN A 69 -19.38 13.85 10.57
CA ASN A 69 -18.33 14.85 10.48
C ASN A 69 -17.03 14.23 9.94
N ASN A 70 -16.70 14.52 8.68
CA ASN A 70 -15.47 14.01 8.05
C ASN A 70 -14.20 14.45 8.79
N LYS A 71 -14.06 15.75 8.97
CA LYS A 71 -12.84 16.31 9.55
C LYS A 71 -12.62 15.84 11.01
N GLN A 72 -13.69 15.78 11.79
CA GLN A 72 -13.61 15.29 13.17
C GLN A 72 -13.23 13.81 13.21
N THR A 73 -13.72 13.04 12.25
CA THR A 73 -13.38 11.62 12.20
C THR A 73 -11.91 11.40 11.77
N ILE A 74 -11.44 12.22 10.84
CA ILE A 74 -10.02 12.19 10.46
C ILE A 74 -9.15 12.47 11.68
N HIS A 75 -9.54 13.48 12.48
CA HIS A 75 -8.78 13.82 13.69
C HIS A 75 -8.85 12.69 14.71
N LEU A 76 -10.02 12.10 14.87
CA LEU A 76 -10.22 10.95 15.75
C LEU A 76 -9.34 9.76 15.36
N LEU A 77 -9.37 9.39 14.08
CA LEU A 77 -8.57 8.26 13.60
C LEU A 77 -7.08 8.51 13.84
N LYS A 78 -6.65 9.74 13.62
CA LYS A 78 -5.25 10.14 13.83
C LYS A 78 -4.80 10.03 15.30
N ARG A 79 -5.77 10.02 16.23
CA ARG A 79 -5.46 9.87 17.67
C ARG A 79 -5.28 8.41 18.10
N LEU A 80 -5.80 7.47 17.32
CA LEU A 80 -5.56 6.06 17.61
C LEU A 80 -4.07 5.72 17.49
N PRO A 81 -3.55 4.92 18.43
CA PRO A 81 -2.20 4.39 18.30
C PRO A 81 -2.05 3.71 16.95
N ALA A 82 -0.88 3.86 16.32
CA ALA A 82 -0.69 3.43 14.94
C ALA A 82 -1.07 1.97 14.69
N ASP A 83 -0.80 1.10 15.66
CA ASP A 83 -1.16 -0.32 15.53
C ASP A 83 -2.68 -0.51 15.51
N VAL A 84 -3.38 0.28 16.33
CA VAL A 84 -4.84 0.25 16.35
C VAL A 84 -5.41 0.78 15.04
N LEU A 85 -4.83 1.87 14.56
CA LEU A 85 -5.26 2.49 13.31
C LEU A 85 -5.09 1.54 12.11
N LYS A 86 -4.00 0.79 12.08
CA LYS A 86 -3.74 -0.11 10.97
C LYS A 86 -4.75 -1.25 10.92
N LYS A 87 -5.16 -1.76 12.08
CA LYS A 87 -6.18 -2.83 12.12
C LYS A 87 -7.53 -2.28 11.68
N THR A 88 -7.80 -1.05 12.07
CA THR A 88 -8.99 -0.32 11.61
C THR A 88 -9.03 -0.23 10.09
N ILE A 89 -7.90 0.15 9.51
CA ILE A 89 -7.78 0.32 8.07
C ILE A 89 -7.91 -1.03 7.38
N LYS A 90 -7.26 -2.03 7.93
CA LYS A 90 -7.30 -3.36 7.31
C LYS A 90 -8.73 -3.91 7.26
N ASN A 91 -9.46 -3.81 8.37
CA ASN A 91 -10.81 -4.34 8.39
C ASN A 91 -11.72 -3.60 7.40
N THR A 92 -11.54 -2.29 7.31
CA THR A 92 -12.32 -1.48 6.39
C THR A 92 -12.00 -1.80 4.92
N LEU A 93 -10.70 -1.93 4.61
CA LEU A 93 -10.25 -2.37 3.28
C LEU A 93 -10.79 -3.73 2.90
N ASP A 94 -10.82 -4.65 3.86
CA ASP A 94 -11.32 -6.01 3.63
C ASP A 94 -12.78 -5.99 3.23
N ILE A 95 -13.54 -5.12 3.86
CA ILE A 95 -14.97 -5.04 3.56
C ILE A 95 -15.18 -4.37 2.20
N HIS A 96 -14.38 -3.35 1.92
CA HIS A 96 -14.40 -2.72 0.60
C HIS A 96 -14.13 -3.71 -0.52
N LYS A 97 -13.18 -4.62 -0.29
CA LYS A 97 -12.81 -5.58 -1.33
C LYS A 97 -13.94 -6.57 -1.57
N SER A 98 -14.58 -7.00 -0.49
CA SER A 98 -15.69 -7.94 -0.58
C SER A 98 -16.85 -7.38 -1.39
N ILE A 99 -17.19 -6.13 -1.10
CA ILE A 99 -18.30 -5.47 -1.79
C ILE A 99 -17.97 -5.23 -3.27
N THR A 100 -16.75 -4.80 -3.54
CA THR A 100 -16.30 -4.57 -4.91
C THR A 100 -16.36 -5.84 -5.76
N ILE A 101 -15.83 -6.94 -5.22
CA ILE A 101 -15.81 -8.22 -5.92
C ILE A 101 -17.22 -8.72 -6.20
N ASN A 102 -18.08 -8.60 -5.20
CA ASN A 102 -19.48 -8.98 -5.33
C ASN A 102 -20.33 -7.74 -5.54
N ASN A 103 -20.22 -7.23 -6.75
CA ASN A 103 -21.03 -6.13 -7.27
C ASN A 103 -21.56 -6.38 -8.67
N ALA B 1 12.81 -17.13 -17.37
CA ALA B 1 14.15 -17.09 -17.97
C ALA B 1 14.46 -15.70 -18.51
N LEU B 2 13.54 -14.76 -18.32
CA LEU B 2 13.74 -13.38 -18.73
C LEU B 2 14.78 -12.68 -17.85
N GLY B 3 14.99 -13.20 -16.65
CA GLY B 3 15.83 -12.53 -15.67
C GLY B 3 15.05 -11.44 -14.97
N VAL B 4 15.58 -10.92 -13.86
CA VAL B 4 14.83 -9.98 -13.04
C VAL B 4 14.49 -8.69 -13.80
N VAL B 5 15.49 -8.06 -14.41
CA VAL B 5 15.28 -6.80 -15.14
C VAL B 5 14.26 -6.99 -16.29
N GLY B 6 14.44 -8.06 -17.05
CA GLY B 6 13.54 -8.37 -18.16
C GLY B 6 12.09 -8.54 -17.73
N VAL B 7 11.87 -9.27 -16.63
CA VAL B 7 10.53 -9.45 -16.09
C VAL B 7 9.90 -8.12 -15.72
N LEU B 8 10.65 -7.29 -14.99
CA LEU B 8 10.10 -6.02 -14.49
C LEU B 8 9.86 -5.00 -15.60
N GLU B 9 10.81 -4.84 -16.51
CA GLU B 9 10.60 -3.98 -17.67
C GLU B 9 9.40 -4.45 -18.49
N SER B 10 9.28 -5.77 -18.67
CA SER B 10 8.16 -6.31 -19.44
C SER B 10 6.84 -6.02 -18.73
N TYR B 11 6.81 -6.13 -17.40
CA TYR B 11 5.58 -5.89 -16.67
C TYR B 11 5.14 -4.44 -16.79
N ILE B 12 6.06 -3.49 -16.60
CA ILE B 12 5.63 -2.11 -16.65
C ILE B 12 5.30 -1.70 -18.08
N GLY B 13 5.85 -2.42 -19.04
CA GLY B 13 5.56 -2.17 -20.45
C GLY B 13 4.42 -3.00 -21.03
N SER B 14 3.77 -3.79 -20.18
CA SER B 14 2.62 -4.60 -20.60
C SER B 14 2.93 -5.56 -21.76
N ILE B 15 4.14 -6.11 -21.77
CA ILE B 15 4.46 -7.13 -22.76
C ILE B 15 4.90 -8.43 -22.08
N ASN B 16 4.89 -9.51 -22.87
CA ASN B 16 5.31 -10.84 -22.44
C ASN B 16 4.39 -11.51 -21.40
N ASN B 17 3.17 -10.99 -21.25
CA ASN B 17 2.18 -11.57 -20.33
C ASN B 17 2.73 -11.85 -18.92
N ILE B 18 3.41 -10.88 -18.33
CA ILE B 18 3.94 -11.07 -16.99
C ILE B 18 2.81 -11.00 -15.96
N THR B 19 2.72 -11.99 -15.09
CA THR B 19 1.70 -11.96 -14.05
C THR B 19 2.14 -11.02 -12.93
N LYS B 20 1.16 -10.49 -12.20
CA LYS B 20 1.42 -9.63 -11.06
C LYS B 20 2.33 -10.37 -10.05
N GLN B 21 2.03 -11.65 -9.82
CA GLN B 21 2.83 -12.48 -8.93
C GLN B 21 4.30 -12.54 -9.39
N SER B 22 4.52 -12.76 -10.68
CA SER B 22 5.88 -12.83 -11.23
C SER B 22 6.63 -11.52 -11.05
N ALA B 23 5.95 -10.40 -11.30
CA ALA B 23 6.59 -9.10 -11.17
C ALA B 23 6.95 -8.81 -9.71
N CYS B 24 6.12 -9.25 -8.77
CA CYS B 24 6.37 -9.00 -7.35
C CYS B 24 7.50 -9.89 -6.83
N VAL B 25 7.58 -11.10 -7.34
CA VAL B 25 8.71 -11.97 -7.01
C VAL B 25 10.04 -11.36 -7.52
N ALA B 26 10.05 -10.88 -8.76
CA ALA B 26 11.23 -10.24 -9.34
C ALA B 26 11.62 -9.01 -8.54
N MET B 27 10.61 -8.24 -8.14
CA MET B 27 10.83 -7.02 -7.37
C MET B 27 11.56 -7.32 -6.06
N SER B 28 11.12 -8.36 -5.36
CA SER B 28 11.79 -8.75 -4.12
C SER B 28 13.25 -9.15 -4.38
N LYS B 29 13.51 -9.81 -5.51
CA LYS B 29 14.87 -10.23 -5.87
C LYS B 29 15.75 -9.02 -6.14
N LEU B 30 15.19 -8.03 -6.83
CA LEU B 30 15.90 -6.80 -7.12
C LEU B 30 16.17 -5.98 -5.84
N LEU B 31 15.18 -5.92 -4.95
CA LEU B 31 15.31 -5.18 -3.70
C LEU B 31 16.39 -5.77 -2.80
N THR B 32 16.53 -7.09 -2.85
CA THR B 32 17.54 -7.77 -2.02
C THR B 32 18.95 -7.35 -2.44
N GLU B 33 19.12 -7.04 -3.72
CA GLU B 33 20.44 -6.68 -4.26
C GLU B 33 20.79 -5.20 -4.04
N LEU B 34 19.83 -4.44 -3.53
CA LEU B 34 20.04 -3.02 -3.25
C LEU B 34 20.36 -2.81 -1.77
N ASN B 35 21.32 -1.93 -1.49
CA ASN B 35 21.67 -1.59 -0.12
C ASN B 35 21.05 -0.26 0.28
N SER B 36 20.23 -0.27 1.33
CA SER B 36 19.53 0.95 1.75
C SER B 36 20.50 2.08 2.17
N ASP B 37 21.58 1.72 2.85
CA ASP B 37 22.56 2.72 3.32
C ASP B 37 23.23 3.46 2.16
N ASP B 38 23.42 2.75 1.05
CA ASP B 38 24.01 3.36 -0.14
C ASP B 38 23.00 4.19 -0.93
N ILE B 39 21.73 3.81 -0.90
CA ILE B 39 20.67 4.65 -1.47
C ILE B 39 20.60 6.00 -0.74
N LYS B 40 20.79 5.97 0.57
CA LYS B 40 20.81 7.19 1.38
C LYS B 40 21.93 8.13 0.92
N LYS B 41 23.07 7.56 0.53
CA LYS B 41 24.16 8.37 0.04
C LYS B 41 23.79 9.05 -1.28
N LEU B 42 23.08 8.33 -2.16
CA LEU B 42 22.63 8.92 -3.41
C LEU B 42 21.67 10.07 -3.10
N ARG B 43 20.77 9.80 -2.17
CA ARG B 43 19.78 10.78 -1.72
C ARG B 43 20.43 12.07 -1.22
N ASP B 44 21.49 11.92 -0.44
CA ASP B 44 22.13 13.08 0.18
C ASP B 44 23.05 13.83 -0.80
N ASN B 45 23.17 13.33 -2.03
CA ASN B 45 23.86 14.06 -3.09
C ASN B 45 22.95 15.13 -3.69
N GLU B 46 21.66 15.05 -3.38
CA GLU B 46 20.68 15.95 -3.96
C GLU B 46 20.53 17.23 -3.17
N GLU B 47 20.16 18.31 -3.85
CA GLU B 47 19.81 19.55 -3.17
C GLU B 47 18.47 19.37 -2.46
N LEU B 48 18.21 20.22 -1.47
CA LEU B 48 17.07 20.04 -0.57
C LEU B 48 15.73 20.03 -1.30
N ASN B 49 15.59 20.88 -2.31
CA ASN B 49 14.33 20.98 -3.04
C ASN B 49 14.21 19.98 -4.21
N SER B 50 15.09 18.98 -4.25
CA SER B 50 15.07 17.98 -5.32
C SER B 50 13.89 17.01 -5.18
N PRO B 51 13.11 16.84 -6.25
CA PRO B 51 12.02 15.86 -6.28
C PRO B 51 12.52 14.44 -6.07
N LYS B 52 13.80 14.21 -6.35
CA LYS B 52 14.37 12.88 -6.25
C LYS B 52 14.44 12.36 -4.82
N ILE B 53 14.54 13.26 -3.83
CA ILE B 53 14.69 12.82 -2.45
C ILE B 53 13.48 11.98 -2.00
N ARG B 54 12.29 12.47 -2.31
CA ARG B 54 11.05 11.73 -2.07
C ARG B 54 11.06 10.34 -2.71
N VAL B 55 11.57 10.24 -3.93
CA VAL B 55 11.61 8.95 -4.63
C VAL B 55 12.61 7.99 -3.99
N TYR B 56 13.84 8.46 -3.77
CA TYR B 56 14.82 7.68 -3.00
C TYR B 56 14.20 7.14 -1.71
N ASN B 57 13.49 8.00 -0.98
CA ASN B 57 12.89 7.58 0.28
C ASN B 57 11.83 6.47 0.08
N THR B 58 11.04 6.53 -0.98
CA THR B 58 10.08 5.42 -1.19
C THR B 58 10.84 4.12 -1.46
N VAL B 59 11.90 4.17 -2.25
CA VAL B 59 12.60 2.93 -2.59
C VAL B 59 13.30 2.36 -1.36
N ILE B 60 13.83 3.23 -0.50
CA ILE B 60 14.34 2.81 0.80
C ILE B 60 13.25 2.09 1.63
N SER B 61 12.02 2.58 1.57
CA SER B 61 10.94 1.94 2.34
C SER B 61 10.67 0.52 1.82
N TYR B 62 10.82 0.32 0.50
CA TYR B 62 10.64 -1.02 -0.09
C TYR B 62 11.74 -1.97 0.36
N ILE B 63 12.98 -1.47 0.36
CA ILE B 63 14.11 -2.28 0.78
C ILE B 63 13.99 -2.68 2.25
N GLU B 64 13.62 -1.73 3.12
CA GLU B 64 13.43 -2.03 4.54
C GLU B 64 12.30 -3.07 4.73
N SER B 65 11.22 -2.93 4.00
CA SER B 65 10.14 -3.90 4.09
C SER B 65 10.61 -5.30 3.65
N ASN B 66 11.32 -5.33 2.52
CA ASN B 66 11.77 -6.58 1.92
C ASN B 66 12.79 -7.30 2.79
N ARG B 67 13.68 -6.55 3.45
CA ARG B 67 14.73 -7.18 4.25
C ARG B 67 14.13 -7.82 5.50
N LYS B 68 13.03 -7.24 5.96
CA LYS B 68 12.34 -7.71 7.16
C LYS B 68 11.58 -8.99 6.87
N ASN B 69 10.93 -9.05 5.70
CA ASN B 69 10.21 -10.25 5.30
C ASN B 69 9.96 -10.26 3.80
N ASN B 70 10.72 -11.09 3.08
CA ASN B 70 10.60 -11.23 1.63
C ASN B 70 9.19 -11.60 1.20
N LYS B 71 8.69 -12.69 1.79
CA LYS B 71 7.36 -13.21 1.48
C LYS B 71 6.24 -12.19 1.66
N GLN B 72 6.20 -11.54 2.82
CA GLN B 72 5.12 -10.58 3.10
C GLN B 72 5.22 -9.36 2.19
N THR B 73 6.44 -8.97 1.84
CA THR B 73 6.64 -7.86 0.90
C THR B 73 6.14 -8.21 -0.51
N ILE B 74 6.38 -9.44 -0.93
CA ILE B 74 5.80 -9.91 -2.19
C ILE B 74 4.26 -9.81 -2.13
N HIS B 75 3.67 -10.31 -1.05
CA HIS B 75 2.21 -10.22 -0.86
C HIS B 75 1.70 -8.78 -0.85
N LEU B 76 2.44 -7.92 -0.15
CA LEU B 76 2.09 -6.49 -0.05
C LEU B 76 2.10 -5.80 -1.40
N LEU B 77 3.18 -6.01 -2.17
CA LEU B 77 3.29 -5.41 -3.50
C LEU B 77 2.13 -5.87 -4.37
N LYS B 78 1.78 -7.14 -4.25
CA LYS B 78 0.69 -7.74 -5.04
C LYS B 78 -0.69 -7.15 -4.69
N ARG B 79 -0.82 -6.57 -3.50
CA ARG B 79 -2.08 -5.92 -3.09
C ARG B 79 -2.24 -4.50 -3.64
N LEU B 80 -1.13 -3.87 -4.03
CA LEU B 80 -1.20 -2.54 -4.64
C LEU B 80 -1.94 -2.59 -5.96
N PRO B 81 -2.72 -1.54 -6.27
CA PRO B 81 -3.32 -1.45 -7.60
C PRO B 81 -2.24 -1.45 -8.67
N ALA B 82 -2.51 -2.08 -9.81
CA ALA B 82 -1.49 -2.29 -10.85
C ALA B 82 -0.74 -0.99 -11.21
N ASP B 83 -1.48 0.09 -11.40
CA ASP B 83 -0.86 1.40 -11.70
C ASP B 83 0.13 1.84 -10.62
N VAL B 84 -0.22 1.60 -9.35
CA VAL B 84 0.63 1.95 -8.22
C VAL B 84 1.87 1.04 -8.16
N LEU B 85 1.66 -0.26 -8.38
CA LEU B 85 2.76 -1.22 -8.41
C LEU B 85 3.77 -0.90 -9.53
N LYS B 86 3.27 -0.48 -10.69
CA LYS B 86 4.14 -0.16 -11.81
C LYS B 86 5.04 1.04 -11.50
N LYS B 87 4.50 2.03 -10.81
CA LYS B 87 5.29 3.21 -10.46
C LYS B 87 6.40 2.82 -9.49
N THR B 88 6.03 1.96 -8.54
CA THR B 88 6.96 1.39 -7.57
C THR B 88 8.14 0.69 -8.27
N ILE B 89 7.83 -0.17 -9.24
CA ILE B 89 8.84 -0.91 -9.98
C ILE B 89 9.73 0.05 -10.78
N LYS B 90 9.09 1.02 -11.44
CA LYS B 90 9.80 1.98 -12.27
C LYS B 90 10.83 2.74 -11.44
N ASN B 91 10.42 3.21 -10.28
CA ASN B 91 11.31 4.00 -9.43
C ASN B 91 12.47 3.16 -8.90
N THR B 92 12.18 1.89 -8.63
CA THR B 92 13.20 0.97 -8.14
C THR B 92 14.20 0.59 -9.24
N LEU B 93 13.69 0.32 -10.44
CA LEU B 93 14.54 0.06 -11.61
C LEU B 93 15.46 1.25 -11.92
N ASP B 94 14.92 2.46 -11.81
CA ASP B 94 15.66 3.68 -12.08
C ASP B 94 16.86 3.81 -11.16
N ILE B 95 16.67 3.43 -9.91
CA ILE B 95 17.74 3.53 -8.93
C ILE B 95 18.75 2.41 -9.13
N HIS B 96 18.25 1.22 -9.44
CA HIS B 96 19.11 0.11 -9.83
C HIS B 96 20.03 0.48 -11.00
N LYS B 97 19.46 1.16 -11.99
CA LYS B 97 20.22 1.50 -13.18
C LYS B 97 21.31 2.50 -12.86
N SER B 98 20.99 3.47 -12.01
CA SER B 98 21.94 4.52 -11.62
C SER B 98 23.15 3.92 -10.91
N ILE B 99 22.88 3.06 -9.93
CA ILE B 99 23.93 2.42 -9.16
C ILE B 99 24.81 1.56 -10.04
N THR B 100 24.17 0.78 -10.91
CA THR B 100 24.89 -0.09 -11.82
C THR B 100 25.83 0.71 -12.73
N ILE B 101 25.32 1.77 -13.34
CA ILE B 101 26.12 2.62 -14.22
C ILE B 101 27.37 3.19 -13.53
N ASN B 102 27.20 3.62 -12.31
CA ASN B 102 28.30 4.23 -11.64
C ASN B 102 29.02 3.21 -10.81
N ASN B 103 29.11 1.98 -11.33
CA ASN B 103 29.76 0.87 -10.65
C ASN B 103 30.12 -0.31 -11.55
#